data_9C4L
#
_entry.id   9C4L
#
_cell.length_a   137.894
_cell.length_b   137.894
_cell.length_c   41.076
_cell.angle_alpha   90.000
_cell.angle_beta   90.000
_cell.angle_gamma   120.000
#
_symmetry.space_group_name_H-M   'P 6'
#
loop_
_entity.id
_entity.type
_entity.pdbx_description
1 polymer 'Alr4568 protein'
2 non-polymer '3-bromo-3-oxopropanoic acid'
3 water water
#
_entity_poly.entity_id   1
_entity_poly.type   'polypeptide(L)'
_entity_poly.pdbx_seq_one_letter_code
;PQIKVYGLAEKLNPIKAELSNILHTSLIEVLQISPEKRFHRFFPLDKLDFYYPSDRTDNYLIIEIIMFEGRSVETKKQLL
RDIFKKVDEKFGISVYDIEITLFEIPKQNWGIRGIPGDELNLSYKVEV
;
_entity_poly.pdbx_strand_id   A,B,C
#
# COMPACT_ATOMS: atom_id res chain seq x y z
N PRO A 1 11.52 -3.50 -8.38
CA PRO A 1 10.83 -2.56 -7.48
C PRO A 1 9.60 -1.91 -8.12
N GLN A 2 8.53 -1.82 -7.33
CA GLN A 2 7.30 -1.15 -7.71
C GLN A 2 7.22 0.15 -6.95
N ILE A 3 6.98 1.26 -7.66
CA ILE A 3 6.91 2.58 -7.06
C ILE A 3 5.48 3.09 -7.09
N LYS A 4 5.01 3.58 -5.94
CA LYS A 4 3.73 4.29 -5.84
C LYS A 4 4.01 5.69 -5.30
N VAL A 5 3.52 6.71 -6.01
CA VAL A 5 3.78 8.10 -5.68
C VAL A 5 2.46 8.82 -5.45
N TYR A 6 2.40 9.58 -4.35
CA TYR A 6 1.21 10.30 -3.90
C TYR A 6 1.56 11.78 -3.72
N GLY A 7 0.70 12.65 -4.23
CA GLY A 7 0.92 14.07 -4.05
C GLY A 7 -0.32 14.82 -4.48
N LEU A 8 -0.36 16.10 -4.12
CA LEU A 8 -1.52 16.90 -4.51
C LEU A 8 -1.61 17.03 -6.03
N ALA A 9 -2.82 16.85 -6.56
CA ALA A 9 -3.00 16.69 -8.02
C ALA A 9 -2.43 17.88 -8.79
N GLU A 10 -2.74 19.10 -8.37
CA GLU A 10 -2.26 20.25 -9.11
C GLU A 10 -0.74 20.40 -9.03
N LYS A 11 -0.09 19.84 -7.99
CA LYS A 11 1.36 19.86 -7.92
C LYS A 11 2.00 18.61 -8.55
N LEU A 12 1.36 17.45 -8.42
CA LEU A 12 1.97 16.23 -8.94
C LEU A 12 1.80 16.10 -10.45
N ASN A 13 0.69 16.56 -10.99
CA ASN A 13 0.45 16.29 -12.40
C ASN A 13 1.45 16.97 -13.35
N PRO A 14 1.89 18.21 -13.13
CA PRO A 14 2.90 18.80 -14.03
C PRO A 14 4.27 18.15 -13.97
N ILE A 15 4.64 17.47 -12.89
CA ILE A 15 6.00 16.95 -12.75
C ILE A 15 6.08 15.43 -12.89
N LYS A 16 4.97 14.70 -12.89
CA LYS A 16 5.05 13.26 -12.71
C LYS A 16 5.81 12.59 -13.85
N ALA A 17 5.69 13.10 -15.07
CA ALA A 17 6.39 12.45 -16.18
C ALA A 17 7.90 12.55 -16.02
N GLU A 18 8.41 13.73 -15.68
CA GLU A 18 9.85 13.84 -15.45
C GLU A 18 10.24 13.16 -14.14
N LEU A 19 9.39 13.24 -13.12
CA LEU A 19 9.68 12.58 -11.85
C LEU A 19 9.89 11.08 -12.05
N SER A 20 8.98 10.45 -12.80
CA SER A 20 9.16 9.04 -13.16
C SER A 20 10.55 8.78 -13.73
N ASN A 21 11.01 9.62 -14.67
CA ASN A 21 12.36 9.46 -15.21
C ASN A 21 13.42 9.61 -14.10
N ILE A 22 13.25 10.60 -13.20
CA ILE A 22 14.22 10.81 -12.13
C ILE A 22 14.27 9.59 -11.21
N LEU A 23 13.10 9.10 -10.77
CA LEU A 23 13.08 7.95 -9.87
C LEU A 23 13.69 6.71 -10.53
N HIS A 24 13.37 6.45 -11.80
CA HIS A 24 13.91 5.26 -12.44
C HIS A 24 15.42 5.33 -12.54
N THR A 25 15.96 6.52 -12.82
CA THR A 25 17.41 6.68 -12.89
C THR A 25 18.06 6.35 -11.55
N SER A 26 17.46 6.80 -10.44
CA SER A 26 18.02 6.53 -9.13
C SER A 26 18.08 5.03 -8.85
N LEU A 27 16.98 4.32 -9.13
CA LEU A 27 16.93 2.88 -8.88
C LEU A 27 17.92 2.12 -9.76
N ILE A 28 18.07 2.55 -11.02
CA ILE A 28 19.08 1.96 -11.90
C ILE A 28 20.47 2.14 -11.31
N GLU A 29 20.79 3.36 -10.88
CA GLU A 29 22.16 3.64 -10.44
C GLU A 29 22.48 2.95 -9.12
N VAL A 30 21.53 2.89 -8.20
CA VAL A 30 21.84 2.42 -6.86
C VAL A 30 21.57 0.93 -6.72
N LEU A 31 20.40 0.49 -7.19
CA LEU A 31 20.06 -0.93 -7.11
C LEU A 31 20.64 -1.75 -8.25
N GLN A 32 21.11 -1.10 -9.32
CA GLN A 32 21.60 -1.80 -10.51
C GLN A 32 20.54 -2.73 -11.09
N ILE A 33 19.29 -2.26 -11.15
CA ILE A 33 18.24 -3.03 -11.82
C ILE A 33 18.40 -2.88 -13.32
N SER A 34 17.85 -3.82 -14.06
CA SER A 34 17.89 -3.69 -15.52
C SER A 34 17.07 -2.47 -15.94
N PRO A 35 17.58 -1.65 -16.86
CA PRO A 35 16.97 -0.34 -17.11
C PRO A 35 15.63 -0.39 -17.82
N GLU A 36 15.15 -1.57 -18.19
CA GLU A 36 13.80 -1.63 -18.76
C GLU A 36 12.74 -1.69 -17.68
N LYS A 37 13.10 -2.16 -16.48
CA LYS A 37 12.15 -2.46 -15.41
C LYS A 37 11.64 -1.23 -14.68
N ARG A 38 10.91 -0.36 -15.37
CA ARG A 38 10.23 0.75 -14.72
C ARG A 38 8.77 0.37 -14.46
N PHE A 39 8.39 0.29 -13.17
CA PHE A 39 7.00 0.03 -12.75
C PHE A 39 6.58 1.13 -11.79
N HIS A 40 5.85 2.13 -12.28
CA HIS A 40 5.47 3.27 -11.45
C HIS A 40 3.95 3.46 -11.50
N ARG A 41 3.36 3.80 -10.35
CA ARG A 41 1.95 4.16 -10.29
C ARG A 41 1.83 5.49 -9.58
N PHE A 42 1.07 6.42 -10.18
CA PHE A 42 0.90 7.75 -9.61
C PHE A 42 -0.52 7.93 -9.07
N PHE A 43 -0.63 8.59 -7.91
CA PHE A 43 -1.91 8.83 -7.24
C PHE A 43 -2.05 10.32 -6.97
N PRO A 44 -2.47 11.10 -7.96
CA PRO A 44 -2.74 12.53 -7.76
C PRO A 44 -3.99 12.70 -6.91
N LEU A 45 -3.85 13.40 -5.78
CA LEU A 45 -4.91 13.43 -4.78
C LEU A 45 -5.68 14.75 -4.80
N ASP A 46 -6.96 14.67 -4.45
CA ASP A 46 -7.73 15.88 -4.22
C ASP A 46 -7.29 16.55 -2.94
N LYS A 47 -7.41 17.88 -2.91
CA LYS A 47 -7.04 18.65 -1.73
C LYS A 47 -7.70 18.12 -0.46
N LEU A 48 -8.97 17.71 -0.55
CA LEU A 48 -9.67 17.24 0.65
C LEU A 48 -9.32 15.81 1.04
N ASP A 49 -8.47 15.13 0.28
CA ASP A 49 -8.08 13.75 0.57
C ASP A 49 -6.64 13.63 1.06
N PHE A 50 -5.97 14.74 1.35
CA PHE A 50 -4.52 14.74 1.59
C PHE A 50 -4.21 15.68 2.76
N TYR A 51 -3.85 15.10 3.91
CA TYR A 51 -3.50 15.87 5.11
C TYR A 51 -2.01 15.66 5.39
N TYR A 52 -1.30 16.76 5.62
CA TYR A 52 0.10 16.71 6.02
C TYR A 52 0.33 17.82 7.06
N PRO A 53 1.46 17.83 7.77
CA PRO A 53 1.66 18.81 8.82
C PRO A 53 1.81 20.22 8.28
N SER A 54 1.53 21.19 9.15
CA SER A 54 1.57 22.61 8.76
C SER A 54 2.98 23.09 8.46
N ASP A 55 4.03 22.37 8.89
CA ASP A 55 5.38 22.73 8.49
C ASP A 55 5.81 22.01 7.22
N ARG A 56 4.89 21.40 6.49
CA ARG A 56 5.12 20.95 5.13
C ARG A 56 4.35 21.84 4.15
N THR A 57 4.75 21.82 2.88
CA THR A 57 4.02 22.55 1.86
C THR A 57 3.18 21.58 1.01
N ASP A 58 2.37 22.15 0.12
CA ASP A 58 1.56 21.37 -0.80
C ASP A 58 2.37 20.72 -1.92
N ASN A 59 3.71 20.86 -1.89
CA ASN A 59 4.62 20.06 -2.71
C ASN A 59 4.94 18.72 -2.07
N TYR A 60 4.42 18.48 -0.87
CA TYR A 60 4.64 17.24 -0.14
C TYR A 60 4.34 16.02 -1.00
N LEU A 61 5.32 15.13 -1.07
CA LEU A 61 5.34 14.01 -2.01
C LEU A 61 5.69 12.74 -1.25
N ILE A 62 4.86 11.70 -1.39
CA ILE A 62 5.09 10.43 -0.73
C ILE A 62 5.51 9.41 -1.78
N ILE A 63 6.60 8.69 -1.51
CA ILE A 63 7.12 7.69 -2.42
C ILE A 63 7.19 6.36 -1.69
N GLU A 64 6.44 5.39 -2.18
CA GLU A 64 6.41 4.05 -1.65
C GLU A 64 7.09 3.13 -2.65
N ILE A 65 8.08 2.36 -2.19
CA ILE A 65 8.81 1.46 -3.06
C ILE A 65 8.66 0.07 -2.50
N ILE A 66 8.01 -0.81 -3.26
CA ILE A 66 7.87 -2.22 -2.92
C ILE A 66 8.91 -2.99 -3.71
N MET A 67 9.74 -3.77 -3.01
CA MET A 67 10.91 -4.38 -3.62
C MET A 67 11.19 -5.72 -2.95
N PHE A 68 11.93 -6.58 -3.67
CA PHE A 68 12.45 -7.81 -3.07
C PHE A 68 13.30 -7.50 -1.86
N GLU A 69 13.12 -8.29 -0.80
CA GLU A 69 14.05 -8.19 0.32
C GLU A 69 15.43 -8.73 -0.09
N GLY A 70 16.46 -8.34 0.64
CA GLY A 70 17.77 -8.90 0.44
C GLY A 70 18.86 -7.90 0.15
N ARG A 71 18.53 -6.63 -0.06
CA ARG A 71 19.57 -5.62 -0.20
C ARG A 71 20.13 -5.24 1.16
N SER A 72 21.38 -4.79 1.15
CA SER A 72 22.07 -4.41 2.37
C SER A 72 21.50 -3.09 2.91
N VAL A 73 21.68 -2.89 4.22
CA VAL A 73 21.25 -1.65 4.85
C VAL A 73 21.91 -0.45 4.15
N GLU A 74 23.19 -0.56 3.84
CA GLU A 74 23.88 0.59 3.24
C GLU A 74 23.35 0.87 1.85
N THR A 75 23.08 -0.16 1.05
CA THR A 75 22.50 0.07 -0.27
C THR A 75 21.12 0.72 -0.18
N LYS A 76 20.29 0.27 0.77
CA LYS A 76 18.97 0.88 0.91
C LYS A 76 19.07 2.31 1.35
N LYS A 77 19.97 2.60 2.31
CA LYS A 77 20.17 3.98 2.74
C LYS A 77 20.68 4.84 1.60
N GLN A 78 21.56 4.29 0.76
CA GLN A 78 22.05 5.02 -0.39
C GLN A 78 20.93 5.30 -1.38
N LEU A 79 19.97 4.38 -1.52
CA LEU A 79 18.82 4.64 -2.37
C LEU A 79 17.99 5.81 -1.84
N LEU A 80 17.69 5.80 -0.55
CA LEU A 80 16.94 6.92 0.04
C LEU A 80 17.61 8.25 -0.27
N ARG A 81 18.89 8.37 0.09
CA ARG A 81 19.58 9.65 -0.06
C ARG A 81 19.64 10.08 -1.52
N ASP A 82 19.83 9.13 -2.44
CA ASP A 82 19.93 9.48 -3.85
C ASP A 82 18.62 10.04 -4.37
N ILE A 83 17.49 9.44 -3.99
CA ILE A 83 16.19 9.95 -4.45
C ILE A 83 15.97 11.37 -3.94
N PHE A 84 16.18 11.58 -2.63
CA PHE A 84 16.11 12.94 -2.06
C PHE A 84 16.93 13.93 -2.87
N LYS A 85 18.20 13.60 -3.14
CA LYS A 85 19.09 14.55 -3.78
C LYS A 85 18.59 14.90 -5.19
N LYS A 86 18.27 13.88 -5.98
CA LYS A 86 17.93 14.13 -7.37
C LYS A 86 16.57 14.79 -7.50
N VAL A 87 15.61 14.47 -6.62
CA VAL A 87 14.32 15.14 -6.67
C VAL A 87 14.45 16.60 -6.27
N ASP A 88 15.13 16.87 -5.14
CA ASP A 88 15.46 18.23 -4.75
C ASP A 88 16.11 19.00 -5.91
N GLU A 89 17.16 18.43 -6.50
CA GLU A 89 17.91 19.14 -7.54
C GLU A 89 17.05 19.43 -8.76
N LYS A 90 16.23 18.47 -9.20
CA LYS A 90 15.53 18.66 -10.46
C LYS A 90 14.32 19.57 -10.30
N PHE A 91 13.59 19.48 -9.17
CA PHE A 91 12.33 20.22 -9.06
C PHE A 91 12.33 21.31 -8.00
N GLY A 92 13.38 21.41 -7.17
CA GLY A 92 13.37 22.43 -6.14
C GLY A 92 12.36 22.17 -5.05
N ILE A 93 11.97 20.92 -4.87
CA ILE A 93 11.16 20.50 -3.73
C ILE A 93 12.11 20.25 -2.56
N SER A 94 11.92 20.98 -1.46
CA SER A 94 12.79 20.80 -0.32
C SER A 94 12.70 19.37 0.20
N VAL A 95 13.80 18.86 0.77
CA VAL A 95 13.76 17.44 1.11
C VAL A 95 12.85 17.19 2.29
N TYR A 96 12.49 18.22 3.06
CA TYR A 96 11.50 17.98 4.11
C TYR A 96 10.13 17.67 3.51
N ASP A 97 9.89 18.05 2.25
CA ASP A 97 8.63 17.81 1.56
C ASP A 97 8.59 16.47 0.84
N ILE A 98 9.57 15.61 1.08
CA ILE A 98 9.66 14.30 0.44
C ILE A 98 9.72 13.25 1.54
N GLU A 99 8.97 12.17 1.36
CA GLU A 99 8.99 11.07 2.30
C GLU A 99 9.05 9.77 1.51
N ILE A 100 9.91 8.84 1.93
CA ILE A 100 10.14 7.61 1.20
C ILE A 100 9.99 6.43 2.16
N THR A 101 9.31 5.38 1.70
CA THR A 101 9.13 4.17 2.51
C THR A 101 9.36 2.94 1.65
N LEU A 102 10.29 2.09 2.08
CA LEU A 102 10.57 0.84 1.40
C LEU A 102 9.77 -0.29 2.05
N PHE A 103 8.95 -0.96 1.24
CA PHE A 103 8.25 -2.18 1.64
C PHE A 103 9.00 -3.39 1.07
N GLU A 104 9.69 -4.12 1.94
CA GLU A 104 10.46 -5.29 1.52
C GLU A 104 9.59 -6.55 1.57
N ILE A 105 9.64 -7.33 0.49
CA ILE A 105 8.80 -8.51 0.30
C ILE A 105 9.69 -9.69 -0.06
N PRO A 106 9.61 -10.81 0.66
CA PRO A 106 10.38 -12.00 0.27
C PRO A 106 10.03 -12.43 -1.15
N LYS A 107 11.02 -13.02 -1.83
CA LYS A 107 10.88 -13.29 -3.25
C LYS A 107 9.77 -14.30 -3.51
N GLN A 108 9.61 -15.31 -2.64
CA GLN A 108 8.57 -16.30 -2.81
C GLN A 108 7.18 -15.73 -2.62
N ASN A 109 7.06 -14.51 -2.10
CA ASN A 109 5.75 -13.89 -1.90
C ASN A 109 5.31 -13.08 -3.11
N TRP A 110 5.99 -13.22 -4.23
CA TRP A 110 5.76 -12.41 -5.41
C TRP A 110 5.51 -13.33 -6.61
N GLY A 111 4.45 -13.06 -7.37
CA GLY A 111 4.24 -13.72 -8.65
C GLY A 111 4.60 -12.83 -9.82
N ILE A 112 5.52 -13.29 -10.66
CA ILE A 112 6.02 -12.49 -11.79
C ILE A 112 6.12 -13.39 -13.03
N ARG A 113 5.49 -12.96 -14.12
CA ARG A 113 5.54 -13.69 -15.39
C ARG A 113 5.20 -15.17 -15.19
N GLY A 114 4.23 -15.43 -14.30
CA GLY A 114 3.67 -16.76 -14.16
C GLY A 114 4.26 -17.63 -13.07
N ILE A 115 5.29 -17.20 -12.35
CA ILE A 115 5.95 -18.10 -11.40
C ILE A 115 6.39 -17.33 -10.16
N PRO A 116 6.62 -18.05 -9.06
CA PRO A 116 7.03 -17.35 -7.83
C PRO A 116 8.42 -16.76 -7.96
N GLY A 117 8.60 -15.59 -7.33
CA GLY A 117 9.78 -14.79 -7.58
C GLY A 117 11.08 -15.42 -7.12
N ASP A 118 11.02 -16.39 -6.23
CA ASP A 118 12.23 -17.10 -5.81
C ASP A 118 12.68 -18.12 -6.86
N GLU A 119 11.84 -18.41 -7.85
CA GLU A 119 12.18 -19.29 -8.96
C GLU A 119 12.61 -18.54 -10.19
N LEU A 120 12.57 -17.20 -10.17
CA LEU A 120 13.01 -16.41 -11.30
C LEU A 120 14.53 -16.36 -11.37
N ASN A 121 15.07 -16.52 -12.57
CA ASN A 121 16.46 -16.17 -12.82
C ASN A 121 16.47 -14.72 -13.25
N LEU A 122 17.07 -13.85 -12.44
CA LEU A 122 17.04 -12.44 -12.78
C LEU A 122 18.27 -12.08 -13.59
N SER A 123 18.14 -10.98 -14.35
CA SER A 123 19.25 -10.43 -15.11
C SER A 123 20.12 -9.50 -14.28
N TYR A 124 19.80 -9.30 -13.00
CA TYR A 124 20.59 -8.48 -12.10
C TYR A 124 20.65 -9.18 -10.75
N LYS A 125 21.43 -8.63 -9.82
CA LYS A 125 21.57 -9.22 -8.50
C LYS A 125 20.74 -8.45 -7.48
N VAL A 126 19.87 -9.15 -6.76
CA VAL A 126 19.05 -8.50 -5.74
C VAL A 126 19.92 -8.12 -4.54
N GLU A 127 20.69 -9.10 -4.05
CA GLU A 127 21.92 -8.98 -3.25
C GLU A 127 22.14 -10.34 -2.57
N PRO B 1 -8.37 -12.31 3.53
CA PRO B 1 -7.41 -11.42 2.87
C PRO B 1 -8.06 -10.21 2.20
N GLN B 2 -7.30 -9.12 2.11
CA GLN B 2 -7.72 -7.95 1.36
C GLN B 2 -6.95 -7.89 0.04
N ILE B 3 -7.66 -7.65 -1.07
CA ILE B 3 -7.02 -7.56 -2.38
C ILE B 3 -7.13 -6.14 -2.91
N LYS B 4 -6.04 -5.65 -3.51
CA LYS B 4 -6.00 -4.38 -4.22
C LYS B 4 -5.52 -4.62 -5.65
N VAL B 5 -6.31 -4.20 -6.64
CA VAL B 5 -6.04 -4.51 -8.04
C VAL B 5 -5.87 -3.22 -8.81
N TYR B 6 -4.84 -3.18 -9.66
CA TYR B 6 -4.45 -2.00 -10.42
C TYR B 6 -4.29 -2.37 -11.88
N GLY B 7 -4.81 -1.51 -12.76
CA GLY B 7 -4.67 -1.73 -14.18
C GLY B 7 -5.17 -0.51 -14.93
N LEU B 8 -4.82 -0.45 -16.21
CA LEU B 8 -5.29 0.65 -17.06
C LEU B 8 -6.81 0.67 -17.07
N ALA B 9 -7.39 1.86 -16.83
CA ALA B 9 -8.84 1.96 -16.66
C ALA B 9 -9.61 1.30 -17.80
N GLU B 10 -9.21 1.54 -19.04
CA GLU B 10 -10.03 1.05 -20.14
C GLU B 10 -9.92 -0.45 -20.33
N LYS B 11 -8.91 -1.09 -19.73
CA LYS B 11 -8.83 -2.54 -19.74
C LYS B 11 -9.46 -3.15 -18.49
N LEU B 12 -9.21 -2.54 -17.33
CA LEU B 12 -9.68 -3.13 -16.07
C LEU B 12 -11.19 -2.95 -15.89
N ASN B 13 -11.73 -1.78 -16.25
CA ASN B 13 -13.15 -1.52 -15.98
C ASN B 13 -14.10 -2.50 -16.66
N PRO B 14 -13.90 -2.91 -17.91
CA PRO B 14 -14.81 -3.92 -18.47
C PRO B 14 -14.78 -5.27 -17.76
N ILE B 15 -13.71 -5.62 -17.06
CA ILE B 15 -13.56 -6.97 -16.52
C ILE B 15 -13.55 -7.03 -15.00
N LYS B 16 -13.50 -5.90 -14.28
CA LYS B 16 -13.21 -5.98 -12.86
C LYS B 16 -14.29 -6.74 -12.08
N ALA B 17 -15.56 -6.68 -12.50
CA ALA B 17 -16.60 -7.39 -11.75
C ALA B 17 -16.42 -8.90 -11.87
N GLU B 18 -16.21 -9.39 -13.09
CA GLU B 18 -15.91 -10.81 -13.29
C GLU B 18 -14.58 -11.18 -12.65
N LEU B 19 -13.58 -10.30 -12.76
CA LEU B 19 -12.28 -10.55 -12.14
C LEU B 19 -12.42 -10.69 -10.62
N SER B 20 -13.26 -9.86 -10.00
CA SER B 20 -13.52 -10.02 -8.57
C SER B 20 -14.05 -11.41 -8.28
N ASN B 21 -15.02 -11.87 -9.08
CA ASN B 21 -15.58 -13.21 -8.87
C ASN B 21 -14.49 -14.28 -8.98
N ILE B 22 -13.63 -14.18 -9.99
CA ILE B 22 -12.59 -15.18 -10.21
C ILE B 22 -11.57 -15.16 -9.07
N LEU B 23 -11.13 -13.97 -8.65
CA LEU B 23 -10.13 -13.90 -7.59
C LEU B 23 -10.68 -14.44 -6.28
N HIS B 24 -11.96 -14.17 -6.00
CA HIS B 24 -12.57 -14.68 -4.77
C HIS B 24 -12.64 -16.21 -4.78
N THR B 25 -12.99 -16.81 -5.93
CA THR B 25 -12.97 -18.26 -6.06
C THR B 25 -11.57 -18.82 -5.74
N SER B 26 -10.54 -18.17 -6.28
CA SER B 26 -9.17 -18.65 -6.09
C SER B 26 -8.75 -18.60 -4.62
N LEU B 27 -9.04 -17.48 -3.93
CA LEU B 27 -8.70 -17.38 -2.52
C LEU B 27 -9.48 -18.40 -1.69
N ILE B 28 -10.75 -18.60 -2.00
CA ILE B 28 -11.55 -19.62 -1.29
C ILE B 28 -10.94 -21.00 -1.47
N GLU B 29 -10.66 -21.37 -2.73
CA GLU B 29 -10.18 -22.73 -3.01
C GLU B 29 -8.80 -22.98 -2.44
N VAL B 30 -7.92 -21.99 -2.47
CA VAL B 30 -6.53 -22.25 -2.07
C VAL B 30 -6.32 -21.98 -0.58
N LEU B 31 -6.84 -20.87 -0.06
CA LEU B 31 -6.63 -20.53 1.34
C LEU B 31 -7.73 -21.07 2.26
N GLN B 32 -8.85 -21.53 1.70
CA GLN B 32 -9.95 -22.11 2.46
C GLN B 32 -10.60 -21.08 3.39
N ILE B 33 -10.72 -19.84 2.93
CA ILE B 33 -11.49 -18.85 3.69
C ILE B 33 -12.97 -19.08 3.46
N SER B 34 -13.80 -18.52 4.34
CA SER B 34 -15.23 -18.72 4.18
C SER B 34 -15.74 -17.91 2.98
N PRO B 35 -16.75 -18.42 2.28
CA PRO B 35 -17.10 -17.83 0.97
C PRO B 35 -17.70 -16.44 1.05
N GLU B 36 -18.10 -15.95 2.23
CA GLU B 36 -18.62 -14.59 2.31
C GLU B 36 -17.53 -13.52 2.42
N LYS B 37 -16.28 -13.90 2.71
CA LYS B 37 -15.24 -12.92 3.07
C LYS B 37 -14.53 -12.40 1.82
N ARG B 38 -15.29 -11.63 1.02
CA ARG B 38 -14.74 -10.91 -0.12
C ARG B 38 -14.44 -9.47 0.27
N PHE B 39 -13.17 -9.07 0.21
CA PHE B 39 -12.74 -7.69 0.43
C PHE B 39 -11.83 -7.29 -0.74
N HIS B 40 -12.37 -6.59 -1.73
CA HIS B 40 -11.64 -6.18 -2.93
C HIS B 40 -11.78 -4.69 -3.14
N ARG B 41 -10.67 -4.04 -3.49
CA ARG B 41 -10.61 -2.65 -3.91
C ARG B 41 -9.94 -2.58 -5.28
N PHE B 42 -10.55 -1.84 -6.20
CA PHE B 42 -10.04 -1.72 -7.56
C PHE B 42 -9.56 -0.29 -7.82
N PHE B 43 -8.45 -0.18 -8.57
CA PHE B 43 -7.84 1.12 -8.83
C PHE B 43 -7.59 1.21 -10.33
N PRO B 44 -8.62 1.60 -11.09
CA PRO B 44 -8.43 1.83 -12.53
C PRO B 44 -7.63 3.11 -12.74
N LEU B 45 -6.54 3.00 -13.50
CA LEU B 45 -5.57 4.07 -13.60
C LEU B 45 -5.60 4.73 -14.97
N ASP B 46 -5.48 6.07 -14.99
CA ASP B 46 -5.24 6.77 -16.24
C ASP B 46 -3.91 6.34 -16.84
N LYS B 47 -3.82 6.44 -18.16
CA LYS B 47 -2.59 6.09 -18.85
C LYS B 47 -1.42 6.96 -18.38
N LEU B 48 -1.68 8.21 -18.01
CA LEU B 48 -0.58 9.06 -17.52
C LEU B 48 -0.16 8.77 -16.08
N ASP B 49 -0.86 7.88 -15.36
CA ASP B 49 -0.49 7.52 -14.00
C ASP B 49 0.07 6.10 -13.87
N PHE B 50 0.38 5.44 -14.97
CA PHE B 50 0.72 4.01 -14.94
C PHE B 50 1.83 3.75 -15.94
N TYR B 51 3.04 3.53 -15.42
CA TYR B 51 4.21 3.20 -16.23
C TYR B 51 4.60 1.75 -16.01
N TYR B 52 4.81 1.01 -17.10
CA TYR B 52 5.26 -0.37 -17.04
C TYR B 52 6.12 -0.60 -18.29
N PRO B 53 6.97 -1.63 -18.29
CA PRO B 53 7.93 -1.79 -19.39
C PRO B 53 7.25 -2.21 -20.70
N SER B 54 7.97 -1.99 -21.79
CA SER B 54 7.45 -2.28 -23.12
C SER B 54 7.32 -3.77 -23.42
N ASP B 55 7.75 -4.67 -22.54
CA ASP B 55 7.47 -6.09 -22.71
C ASP B 55 6.15 -6.52 -22.07
N ARG B 56 5.39 -5.59 -21.50
CA ARG B 56 4.06 -5.82 -20.96
C ARG B 56 3.05 -5.10 -21.84
N THR B 57 1.94 -5.77 -22.12
CA THR B 57 0.88 -5.15 -22.92
C THR B 57 0.00 -4.28 -22.02
N ASP B 58 -0.96 -3.58 -22.63
CA ASP B 58 -1.87 -2.77 -21.84
C ASP B 58 -2.81 -3.60 -20.99
N ASN B 59 -2.73 -4.93 -21.06
CA ASN B 59 -3.45 -5.82 -20.14
C ASN B 59 -2.77 -5.94 -18.78
N TYR B 60 -1.60 -5.31 -18.59
CA TYR B 60 -0.82 -5.47 -17.37
C TYR B 60 -1.68 -5.21 -16.13
N LEU B 61 -1.62 -6.15 -15.19
CA LEU B 61 -2.50 -6.19 -14.02
C LEU B 61 -1.63 -6.39 -12.80
N ILE B 62 -1.81 -5.53 -11.80
CA ILE B 62 -1.11 -5.69 -10.52
C ILE B 62 -2.12 -6.09 -9.46
N ILE B 63 -1.84 -7.17 -8.75
CA ILE B 63 -2.75 -7.73 -7.76
C ILE B 63 -1.98 -7.80 -6.45
N GLU B 64 -2.34 -6.95 -5.51
CA GLU B 64 -1.74 -6.97 -4.19
C GLU B 64 -2.68 -7.69 -3.24
N ILE B 65 -2.15 -8.60 -2.42
CA ILE B 65 -2.97 -9.33 -1.46
C ILE B 65 -2.39 -9.15 -0.08
N ILE B 66 -3.18 -8.56 0.82
CA ILE B 66 -2.78 -8.34 2.22
C ILE B 66 -3.46 -9.42 3.06
N MET B 67 -2.67 -10.20 3.79
CA MET B 67 -3.21 -11.40 4.41
C MET B 67 -2.46 -11.66 5.71
N PHE B 68 -3.07 -12.50 6.55
CA PHE B 68 -2.42 -12.95 7.77
C PHE B 68 -1.14 -13.71 7.43
N GLU B 69 -0.09 -13.43 8.20
CA GLU B 69 1.08 -14.28 8.20
C GLU B 69 0.68 -15.68 8.65
N GLY B 70 1.45 -16.68 8.23
CA GLY B 70 1.18 -18.01 8.73
C GLY B 70 0.94 -19.12 7.72
N ARG B 71 0.75 -18.79 6.43
CA ARG B 71 0.57 -19.84 5.45
C ARG B 71 1.92 -20.39 5.02
N SER B 72 1.95 -21.66 4.64
CA SER B 72 3.21 -22.26 4.19
C SER B 72 3.64 -21.64 2.88
N VAL B 73 4.90 -21.84 2.53
CA VAL B 73 5.40 -21.43 1.22
C VAL B 73 4.67 -22.16 0.09
N GLU B 74 4.31 -23.41 0.32
CA GLU B 74 3.66 -24.17 -0.75
C GLU B 74 2.25 -23.65 -0.98
N THR B 75 1.51 -23.38 0.09
CA THR B 75 0.19 -22.78 -0.04
C THR B 75 0.24 -21.47 -0.79
N LYS B 76 1.21 -20.60 -0.45
CA LYS B 76 1.27 -19.29 -1.09
C LYS B 76 1.62 -19.41 -2.57
N LYS B 77 2.59 -20.27 -2.90
CA LYS B 77 2.93 -20.45 -4.31
C LYS B 77 1.77 -21.07 -5.08
N GLN B 78 0.96 -21.93 -4.44
CA GLN B 78 -0.23 -22.45 -5.10
C GLN B 78 -1.25 -21.35 -5.37
N LEU B 79 -1.36 -20.39 -4.46
CA LEU B 79 -2.27 -19.26 -4.67
C LEU B 79 -1.84 -18.43 -5.87
N LEU B 80 -0.56 -18.08 -5.95
CA LEU B 80 -0.06 -17.35 -7.11
C LEU B 80 -0.36 -18.11 -8.40
N ARG B 81 -0.01 -19.41 -8.43
CA ARG B 81 -0.21 -20.21 -9.64
C ARG B 81 -1.68 -20.31 -9.99
N ASP B 82 -2.54 -20.45 -8.98
CA ASP B 82 -3.98 -20.56 -9.27
C ASP B 82 -4.51 -19.25 -9.83
N ILE B 83 -4.06 -18.11 -9.30
CA ILE B 83 -4.50 -16.83 -9.83
C ILE B 83 -4.00 -16.66 -11.26
N PHE B 84 -2.71 -16.97 -11.49
CA PHE B 84 -2.17 -16.90 -12.84
C PHE B 84 -2.99 -17.75 -13.80
N LYS B 85 -3.25 -19.00 -13.40
CA LYS B 85 -3.99 -19.92 -14.27
C LYS B 85 -5.39 -19.40 -14.56
N LYS B 86 -6.14 -19.05 -13.51
CA LYS B 86 -7.57 -18.75 -13.68
C LYS B 86 -7.78 -17.44 -14.41
N VAL B 87 -6.93 -16.44 -14.17
CA VAL B 87 -7.09 -15.15 -14.86
C VAL B 87 -6.72 -15.30 -16.33
N ASP B 88 -5.66 -16.06 -16.62
CA ASP B 88 -5.30 -16.37 -18.00
C ASP B 88 -6.45 -17.08 -18.69
N GLU B 89 -6.99 -18.11 -18.06
CA GLU B 89 -8.04 -18.89 -18.70
C GLU B 89 -9.30 -18.06 -18.93
N LYS B 90 -9.70 -17.26 -17.94
CA LYS B 90 -10.98 -16.57 -18.06
C LYS B 90 -10.93 -15.37 -19.00
N PHE B 91 -9.83 -14.60 -18.97
CA PHE B 91 -9.81 -13.34 -19.70
C PHE B 91 -8.84 -13.33 -20.87
N GLY B 92 -8.01 -14.35 -21.03
CA GLY B 92 -7.04 -14.32 -22.10
C GLY B 92 -5.86 -13.41 -21.84
N ILE B 93 -5.68 -13.00 -20.59
CA ILE B 93 -4.55 -12.17 -20.19
C ILE B 93 -3.35 -13.07 -19.97
N SER B 94 -2.27 -12.84 -20.73
CA SER B 94 -1.07 -13.64 -20.57
C SER B 94 -0.54 -13.53 -19.14
N VAL B 95 0.03 -14.63 -18.63
CA VAL B 95 0.66 -14.58 -17.31
C VAL B 95 1.83 -13.61 -17.29
N TYR B 96 2.43 -13.34 -18.46
CA TYR B 96 3.47 -12.32 -18.55
C TYR B 96 2.95 -10.97 -18.11
N ASP B 97 1.65 -10.74 -18.28
CA ASP B 97 1.01 -9.45 -17.99
C ASP B 97 0.31 -9.43 -16.64
N ILE B 98 0.59 -10.38 -15.74
CA ILE B 98 -0.01 -10.41 -14.42
C ILE B 98 1.10 -10.37 -13.38
N GLU B 99 0.93 -9.52 -12.36
CA GLU B 99 1.87 -9.45 -11.25
C GLU B 99 1.09 -9.55 -9.94
N ILE B 100 1.58 -10.39 -9.02
CA ILE B 100 0.93 -10.64 -7.74
C ILE B 100 1.95 -10.41 -6.63
N THR B 101 1.55 -9.68 -5.59
CA THR B 101 2.41 -9.41 -4.45
C THR B 101 1.64 -9.71 -3.17
N LEU B 102 2.17 -10.59 -2.34
CA LEU B 102 1.54 -10.93 -1.06
C LEU B 102 2.19 -10.14 0.06
N PHE B 103 1.38 -9.33 0.77
CA PHE B 103 1.78 -8.61 1.98
C PHE B 103 1.28 -9.41 3.20
N GLU B 104 2.19 -10.16 3.83
CA GLU B 104 1.85 -10.89 5.05
C GLU B 104 1.93 -9.96 6.27
N ILE B 105 0.91 -10.01 7.10
CA ILE B 105 0.83 -9.14 8.27
C ILE B 105 0.63 -10.03 9.48
N PRO B 106 1.45 -9.94 10.54
CA PRO B 106 1.17 -10.70 11.76
C PRO B 106 -0.25 -10.48 12.24
N LYS B 107 -0.86 -11.54 12.78
CA LYS B 107 -2.26 -11.49 13.21
C LYS B 107 -2.51 -10.36 14.20
N GLN B 108 -1.56 -10.11 15.09
CA GLN B 108 -1.76 -9.11 16.13
C GLN B 108 -1.74 -7.69 15.59
N ASN B 109 -1.31 -7.49 14.35
CA ASN B 109 -1.30 -6.19 13.70
C ASN B 109 -2.59 -5.88 12.94
N TRP B 110 -3.63 -6.70 13.08
CA TRP B 110 -4.90 -6.51 12.39
C TRP B 110 -6.00 -6.25 13.43
N GLY B 111 -6.85 -5.28 13.18
CA GLY B 111 -8.06 -5.12 13.97
C GLY B 111 -9.27 -5.55 13.18
N ILE B 112 -9.97 -6.58 13.65
CA ILE B 112 -11.14 -7.13 12.96
C ILE B 112 -12.29 -7.30 13.96
N ARG B 113 -13.47 -6.79 13.59
CA ARG B 113 -14.66 -6.89 14.42
C ARG B 113 -14.37 -6.46 15.85
N GLY B 114 -13.56 -5.42 15.98
CA GLY B 114 -13.30 -4.84 17.28
C GLY B 114 -12.17 -5.44 18.08
N ILE B 115 -11.57 -6.55 17.63
CA ILE B 115 -10.51 -7.17 18.44
C ILE B 115 -9.28 -7.43 17.58
N PRO B 116 -8.13 -7.66 18.21
CA PRO B 116 -6.92 -7.95 17.45
C PRO B 116 -6.97 -9.33 16.83
N GLY B 117 -6.35 -9.45 15.65
CA GLY B 117 -6.54 -10.64 14.84
C GLY B 117 -6.04 -11.91 15.48
N ASP B 118 -5.03 -11.81 16.35
CA ASP B 118 -4.54 -13.00 17.03
C ASP B 118 -5.51 -13.51 18.09
N GLU B 119 -6.57 -12.77 18.40
CA GLU B 119 -7.54 -13.19 19.41
C GLU B 119 -8.84 -13.69 18.82
N LEU B 120 -9.03 -13.63 17.50
CA LEU B 120 -10.26 -14.10 16.89
C LEU B 120 -10.36 -15.63 17.02
N ASN B 121 -11.55 -16.14 16.74
CA ASN B 121 -11.79 -17.58 16.73
C ASN B 121 -12.21 -18.08 15.34
N PRO C 1 3.62 7.88 11.89
CA PRO C 1 2.69 7.00 11.16
C PRO C 1 1.98 7.68 10.01
N GLN C 2 1.83 6.93 8.91
CA GLN C 2 1.01 7.33 7.77
C GLN C 2 -0.30 6.55 7.80
N ILE C 3 -1.43 7.24 7.67
CA ILE C 3 -2.73 6.57 7.59
C ILE C 3 -3.29 6.65 6.17
N LYS C 4 -3.86 5.55 5.70
CA LYS C 4 -4.61 5.53 4.44
C LYS C 4 -5.99 4.95 4.70
N VAL C 5 -7.02 5.70 4.35
CA VAL C 5 -8.40 5.35 4.67
C VAL C 5 -9.15 5.11 3.36
N TYR C 6 -9.87 3.98 3.29
CA TYR C 6 -10.63 3.60 2.11
C TYR C 6 -12.08 3.38 2.50
N GLY C 7 -12.98 3.84 1.66
CA GLY C 7 -14.40 3.67 1.95
C GLY C 7 -15.21 4.11 0.75
N LEU C 8 -16.49 3.76 0.81
CA LEU C 8 -17.40 4.17 -0.25
C LEU C 8 -17.53 5.68 -0.27
N ALA C 9 -17.35 6.28 -1.45
CA ALA C 9 -17.26 7.73 -1.56
C ALA C 9 -18.46 8.43 -0.93
N GLU C 10 -19.68 7.92 -1.15
CA GLU C 10 -20.89 8.57 -0.65
C GLU C 10 -20.94 8.58 0.87
N LYS C 11 -20.31 7.61 1.53
CA LYS C 11 -20.25 7.51 2.98
C LYS C 11 -18.98 8.13 3.56
N LEU C 12 -17.84 7.99 2.89
CA LEU C 12 -16.60 8.50 3.44
C LEU C 12 -16.49 10.01 3.30
N ASN C 13 -16.92 10.56 2.16
CA ASN C 13 -16.73 11.99 1.91
C ASN C 13 -17.41 12.87 2.95
N PRO C 14 -18.65 12.59 3.39
CA PRO C 14 -19.23 13.44 4.45
C PRO C 14 -18.50 13.38 5.78
N ILE C 15 -17.80 12.30 6.12
CA ILE C 15 -17.22 12.18 7.46
C ILE C 15 -15.70 12.33 7.48
N LYS C 16 -15.02 12.41 6.34
CA LYS C 16 -13.57 12.22 6.33
C LYS C 16 -12.84 13.32 7.09
N ALA C 17 -13.35 14.55 7.07
CA ALA C 17 -12.69 15.62 7.81
C ALA C 17 -12.69 15.34 9.31
N GLU C 18 -13.84 14.93 9.86
CA GLU C 18 -13.91 14.62 11.28
C GLU C 18 -13.22 13.30 11.59
N LEU C 19 -13.33 12.33 10.70
CA LEU C 19 -12.61 11.07 10.90
C LEU C 19 -11.11 11.31 11.00
N SER C 20 -10.59 12.24 10.19
CA SER C 20 -9.17 12.60 10.27
C SER C 20 -8.82 13.09 11.66
N ASN C 21 -9.60 14.03 12.21
CA ASN C 21 -9.38 14.50 13.57
C ASN C 21 -9.43 13.34 14.55
N ILE C 22 -10.44 12.47 14.41
CA ILE C 22 -10.64 11.39 15.37
C ILE C 22 -9.44 10.45 15.35
N LEU C 23 -9.04 10.02 14.16
CA LEU C 23 -7.91 9.09 14.03
C LEU C 23 -6.62 9.72 14.55
N HIS C 24 -6.41 10.99 14.27
CA HIS C 24 -5.19 11.64 14.72
C HIS C 24 -5.15 11.69 16.24
N THR C 25 -6.29 12.01 16.86
CA THR C 25 -6.37 12.00 18.32
C THR C 25 -5.97 10.64 18.88
N SER C 26 -6.34 9.56 18.20
CA SER C 26 -6.02 8.23 18.69
C SER C 26 -4.51 7.99 18.66
N LEU C 27 -3.83 8.41 17.60
CA LEU C 27 -2.39 8.16 17.52
C LEU C 27 -1.62 9.06 18.49
N ILE C 28 -2.10 10.29 18.70
CA ILE C 28 -1.52 11.16 19.73
C ILE C 28 -1.65 10.50 21.11
N GLU C 29 -2.86 10.07 21.46
CA GLU C 29 -3.09 9.51 22.80
C GLU C 29 -2.32 8.20 23.01
N VAL C 30 -2.30 7.31 22.02
CA VAL C 30 -1.74 5.98 22.23
C VAL C 30 -0.26 5.93 21.87
N LEU C 31 0.16 6.54 20.77
CA LEU C 31 1.56 6.45 20.38
C LEU C 31 2.40 7.62 20.90
N GLN C 32 1.76 8.65 21.47
CA GLN C 32 2.47 9.82 22.00
C GLN C 32 3.23 10.58 20.92
N ILE C 33 2.68 10.64 19.71
CA ILE C 33 3.30 11.45 18.66
C ILE C 33 2.93 12.91 18.86
N SER C 34 3.74 13.78 18.26
CA SER C 34 3.46 15.21 18.25
C SER C 34 2.11 15.49 17.63
N PRO C 35 1.28 16.31 18.25
CA PRO C 35 0.02 16.75 17.65
C PRO C 35 0.14 17.30 16.24
N GLU C 36 1.34 17.78 15.86
CA GLU C 36 1.52 18.34 14.52
C GLU C 36 1.65 17.28 13.44
N LYS C 37 1.92 16.02 13.79
CA LYS C 37 2.38 15.04 12.80
C LYS C 37 1.23 14.21 12.27
N ARG C 38 0.35 14.88 11.53
CA ARG C 38 -0.80 14.24 10.87
C ARG C 38 -0.48 14.04 9.39
N PHE C 39 -0.42 12.78 8.96
CA PHE C 39 -0.19 12.40 7.56
C PHE C 39 -1.30 11.42 7.18
N HIS C 40 -2.32 11.89 6.47
CA HIS C 40 -3.48 11.08 6.14
C HIS C 40 -3.77 11.18 4.65
N ARG C 41 -4.14 10.06 4.04
CA ARG C 41 -4.61 9.99 2.66
C ARG C 41 -5.95 9.28 2.61
N PHE C 42 -6.92 9.90 1.94
CA PHE C 42 -8.25 9.33 1.85
C PHE C 42 -8.51 8.88 0.42
N PHE C 43 -9.17 7.71 0.30
CA PHE C 43 -9.49 7.10 -0.99
C PHE C 43 -10.98 6.78 -0.98
N PRO C 44 -11.81 7.78 -1.28
CA PRO C 44 -13.25 7.50 -1.49
C PRO C 44 -13.45 6.71 -2.77
N LEU C 45 -14.07 5.55 -2.66
CA LEU C 45 -14.11 4.59 -3.76
C LEU C 45 -15.49 4.60 -4.42
N ASP C 46 -15.47 4.51 -5.75
CA ASP C 46 -16.69 4.22 -6.50
C ASP C 46 -17.31 2.91 -6.04
N LYS C 47 -18.64 2.85 -6.12
CA LYS C 47 -19.36 1.63 -5.79
C LYS C 47 -18.79 0.40 -6.51
N LEU C 48 -18.51 0.53 -7.81
CA LEU C 48 -18.02 -0.61 -8.57
C LEU C 48 -16.57 -0.94 -8.26
N ASP C 49 -15.88 -0.14 -7.45
CA ASP C 49 -14.47 -0.40 -7.17
C ASP C 49 -14.26 -0.91 -5.75
N PHE C 50 -15.33 -1.30 -5.05
CA PHE C 50 -15.24 -1.62 -3.63
C PHE C 50 -16.17 -2.80 -3.33
N TYR C 51 -15.60 -3.96 -3.03
CA TYR C 51 -16.38 -5.15 -2.68
C TYR C 51 -16.10 -5.51 -1.24
N TYR C 52 -17.18 -5.70 -0.48
CA TYR C 52 -17.12 -6.12 0.90
C TYR C 52 -18.29 -7.05 1.14
N PRO C 53 -18.25 -7.85 2.22
CA PRO C 53 -19.28 -8.88 2.43
C PRO C 53 -20.70 -8.32 2.49
N SER C 54 -21.65 -9.11 1.98
CA SER C 54 -23.04 -8.67 1.92
C SER C 54 -23.68 -8.53 3.30
N ASP C 55 -23.07 -9.07 4.35
CA ASP C 55 -23.58 -8.87 5.70
C ASP C 55 -22.96 -7.66 6.40
N ARG C 56 -22.07 -6.92 5.72
CA ARG C 56 -21.62 -5.60 6.18
C ARG C 56 -22.44 -4.53 5.51
N THR C 57 -22.34 -3.30 6.02
CA THR C 57 -23.04 -2.16 5.47
C THR C 57 -22.10 -1.31 4.60
N ASP C 58 -22.69 -0.36 3.89
CA ASP C 58 -21.86 0.53 3.09
C ASP C 58 -21.02 1.48 3.94
N ASN C 59 -21.16 1.46 5.27
CA ASN C 59 -20.26 2.21 6.14
C ASN C 59 -18.89 1.58 6.27
N TYR C 60 -18.68 0.42 5.63
CA TYR C 60 -17.46 -0.35 5.87
C TYR C 60 -16.22 0.50 5.58
N LEU C 61 -15.29 0.50 6.53
CA LEU C 61 -14.11 1.36 6.51
C LEU C 61 -12.86 0.50 6.63
N ILE C 62 -11.87 0.77 5.80
CA ILE C 62 -10.57 0.10 5.87
C ILE C 62 -9.54 1.15 6.22
N ILE C 63 -8.78 0.91 7.28
CA ILE C 63 -7.79 1.85 7.78
C ILE C 63 -6.44 1.13 7.78
N GLU C 64 -5.49 1.65 7.01
CA GLU C 64 -4.12 1.15 6.97
C GLU C 64 -3.24 2.17 7.66
N ILE C 65 -2.37 1.70 8.56
CA ILE C 65 -1.43 2.56 9.27
C ILE C 65 -0.02 2.05 8.99
N ILE C 66 0.76 2.82 8.24
CA ILE C 66 2.18 2.55 8.02
C ILE C 66 2.94 3.23 9.14
N MET C 67 3.72 2.47 9.91
CA MET C 67 4.36 3.05 11.08
C MET C 67 5.71 2.40 11.34
N PHE C 68 6.56 3.15 12.07
CA PHE C 68 7.83 2.63 12.56
C PHE C 68 7.60 1.34 13.32
N GLU C 69 8.38 0.33 12.97
CA GLU C 69 8.40 -0.91 13.72
C GLU C 69 9.01 -0.69 15.10
N GLY C 70 8.65 -1.53 16.07
CA GLY C 70 9.26 -1.43 17.37
C GLY C 70 8.33 -1.25 18.55
N ARG C 71 7.05 -0.98 18.31
CA ARG C 71 6.14 -0.78 19.42
C ARG C 71 5.73 -2.13 20.01
N SER C 72 5.35 -2.11 21.28
CA SER C 72 5.00 -3.35 21.95
C SER C 72 3.68 -3.88 21.41
N VAL C 73 3.47 -5.18 21.59
CA VAL C 73 2.20 -5.79 21.20
C VAL C 73 1.04 -5.12 21.93
N GLU C 74 1.26 -4.73 23.20
CA GLU C 74 0.20 -4.11 23.99
C GLU C 74 -0.17 -2.73 23.46
N THR C 75 0.83 -1.90 23.18
CA THR C 75 0.58 -0.59 22.61
C THR C 75 -0.14 -0.69 21.27
N LYS C 76 0.27 -1.63 20.42
CA LYS C 76 -0.39 -1.79 19.13
C LYS C 76 -1.85 -2.23 19.30
N LYS C 77 -2.09 -3.18 20.21
CA LYS C 77 -3.46 -3.62 20.49
C LYS C 77 -4.28 -2.48 21.10
N GLN C 78 -3.65 -1.64 21.92
CA GLN C 78 -4.34 -0.49 22.48
C GLN C 78 -4.73 0.50 21.39
N LEU C 79 -3.85 0.66 20.40
CA LEU C 79 -4.16 1.54 19.28
C LEU C 79 -5.38 1.04 18.51
N LEU C 80 -5.37 -0.24 18.14
CA LEU C 80 -6.53 -0.83 17.44
C LEU C 80 -7.81 -0.62 18.25
N ARG C 81 -7.73 -0.88 19.54
CA ARG C 81 -8.90 -0.76 20.41
C ARG C 81 -9.39 0.69 20.48
N ASP C 82 -8.45 1.63 20.60
CA ASP C 82 -8.82 3.04 20.71
C ASP C 82 -9.46 3.55 19.44
N ILE C 83 -9.00 3.09 18.27
CA ILE C 83 -9.61 3.51 17.01
C ILE C 83 -11.02 2.95 16.90
N PHE C 84 -11.18 1.64 17.13
CA PHE C 84 -12.51 1.04 17.19
C PHE C 84 -13.45 1.86 18.09
N LYS C 85 -13.02 2.10 19.33
CA LYS C 85 -13.91 2.78 20.28
C LYS C 85 -14.27 4.19 19.82
N LYS C 86 -13.30 4.97 19.31
CA LYS C 86 -13.58 6.36 18.98
C LYS C 86 -14.40 6.51 17.70
N VAL C 87 -14.14 5.67 16.68
CA VAL C 87 -14.94 5.77 15.46
C VAL C 87 -16.38 5.34 15.73
N ASP C 88 -16.54 4.22 16.43
CA ASP C 88 -17.89 3.78 16.82
C ASP C 88 -18.60 4.88 17.60
N GLU C 89 -17.95 5.44 18.61
CA GLU C 89 -18.62 6.42 19.44
C GLU C 89 -18.88 7.72 18.68
N LYS C 90 -18.01 8.09 17.72
CA LYS C 90 -18.22 9.38 17.06
C LYS C 90 -19.23 9.28 15.92
N PHE C 91 -19.21 8.21 15.14
CA PHE C 91 -20.06 8.11 13.97
C PHE C 91 -21.10 7.02 14.05
N GLY C 92 -21.11 6.24 15.14
CA GLY C 92 -22.00 5.11 15.22
C GLY C 92 -21.72 4.01 14.21
N ILE C 93 -20.53 3.98 13.63
CA ILE C 93 -20.15 2.88 12.73
C ILE C 93 -19.79 1.67 13.58
N SER C 94 -20.44 0.54 13.31
CA SER C 94 -20.21 -0.64 14.14
C SER C 94 -18.78 -1.15 13.97
N VAL C 95 -18.24 -1.77 15.03
CA VAL C 95 -16.88 -2.31 14.92
C VAL C 95 -16.80 -3.38 13.86
N TYR C 96 -17.92 -4.01 13.51
CA TYR C 96 -17.98 -5.01 12.44
C TYR C 96 -17.78 -4.39 11.07
N ASP C 97 -18.02 -3.09 10.93
CA ASP C 97 -17.83 -2.35 9.69
C ASP C 97 -16.51 -1.58 9.65
N ILE C 98 -15.58 -1.91 10.55
CA ILE C 98 -14.27 -1.25 10.62
C ILE C 98 -13.20 -2.34 10.58
N GLU C 99 -12.18 -2.12 9.76
CA GLU C 99 -11.02 -3.01 9.71
C GLU C 99 -9.76 -2.15 9.71
N ILE C 100 -8.74 -2.60 10.43
CA ILE C 100 -7.51 -1.86 10.63
C ILE C 100 -6.34 -2.80 10.43
N THR C 101 -5.31 -2.33 9.71
CA THR C 101 -4.12 -3.12 9.44
C THR C 101 -2.89 -2.25 9.68
N LEU C 102 -1.99 -2.71 10.54
CA LEU C 102 -0.77 -1.97 10.86
C LEU C 102 0.35 -2.55 10.01
N PHE C 103 0.99 -1.69 9.21
CA PHE C 103 2.16 -2.07 8.42
C PHE C 103 3.40 -1.55 9.15
N GLU C 104 4.19 -2.45 9.72
CA GLU C 104 5.40 -2.06 10.42
C GLU C 104 6.56 -2.03 9.44
N ILE C 105 7.36 -0.96 9.52
CA ILE C 105 8.51 -0.71 8.65
C ILE C 105 9.73 -0.44 9.53
N PRO C 106 10.83 -1.17 9.34
CA PRO C 106 12.10 -0.79 10.00
C PRO C 106 12.43 0.67 9.76
N LYS C 107 12.94 1.32 10.81
CA LYS C 107 13.30 2.73 10.72
C LYS C 107 14.24 3.00 9.55
N GLN C 108 15.21 2.11 9.31
CA GLN C 108 16.18 2.32 8.25
C GLN C 108 15.59 2.17 6.84
N ASN C 109 14.36 1.70 6.71
CA ASN C 109 13.69 1.62 5.42
C ASN C 109 12.83 2.84 5.13
N TRP C 110 12.98 3.90 5.91
CA TRP C 110 12.10 5.05 5.81
C TRP C 110 12.97 6.29 5.63
N GLY C 111 12.63 7.15 4.67
CA GLY C 111 13.36 8.39 4.45
C GLY C 111 12.51 9.60 4.83
N ILE C 112 13.07 10.43 5.72
CA ILE C 112 12.42 11.63 6.22
C ILE C 112 13.46 12.74 6.30
N ARG C 113 13.13 13.92 5.77
CA ARG C 113 14.03 15.08 5.79
C ARG C 113 15.42 14.73 5.25
N GLY C 114 15.45 13.89 4.22
CA GLY C 114 16.68 13.58 3.52
C GLY C 114 17.54 12.50 4.13
N ILE C 115 17.14 11.92 5.27
CA ILE C 115 17.98 10.94 5.96
C ILE C 115 17.15 9.70 6.29
N PRO C 116 17.82 8.58 6.53
CA PRO C 116 17.07 7.36 6.91
C PRO C 116 16.50 7.47 8.32
N GLY C 117 15.36 6.80 8.51
CA GLY C 117 14.60 6.96 9.74
C GLY C 117 15.40 6.63 10.99
N ASP C 118 16.36 5.72 10.89
CA ASP C 118 17.12 5.34 12.06
C ASP C 118 18.16 6.38 12.47
N GLU C 119 18.42 7.40 11.64
CA GLU C 119 19.31 8.48 12.02
C GLU C 119 18.56 9.69 12.58
N LEU C 120 17.24 9.61 12.70
CA LEU C 120 16.47 10.67 13.33
C LEU C 120 16.58 10.53 14.85
N ASN C 121 16.64 11.67 15.53
CA ASN C 121 16.49 11.74 16.98
C ASN C 121 15.07 12.23 17.24
N LEU C 122 14.16 11.29 17.47
CA LEU C 122 12.75 11.62 17.57
C LEU C 122 12.44 12.24 18.93
N SER C 123 11.36 13.02 18.97
CA SER C 123 10.93 13.67 20.20
C SER C 123 10.08 12.75 21.09
N TYR C 124 9.74 11.56 20.61
CA TYR C 124 8.96 10.60 21.37
C TYR C 124 9.61 9.22 21.23
N LYS C 125 9.14 8.28 22.05
CA LYS C 125 9.71 6.95 22.14
C LYS C 125 8.91 5.99 21.27
N VAL C 126 9.62 5.19 20.46
CA VAL C 126 9.02 4.08 19.71
C VAL C 126 8.96 2.80 20.55
N GLU C 127 9.52 2.82 21.76
CA GLU C 127 9.70 1.63 22.60
C GLU C 127 10.47 0.56 21.84
#